data_5OM3
#
_entry.id   5OM3
#
_cell.length_a   84.321
_cell.length_b   84.321
_cell.length_c   98.156
_cell.angle_alpha   90.00
_cell.angle_beta   90.00
_cell.angle_gamma   120.00
#
_symmetry.space_group_name_H-M   'P 31 2 1'
#
loop_
_entity.id
_entity.type
_entity.pdbx_description
1 polymer Alpha-1-antichymotrypsin
2 polymer Alpha-1-antichymotrypsin
3 non-polymer DI(HYDROXYETHYL)ETHER
4 non-polymer (4S,4AR,5S,5AR,6R,12AS)-4-(DIMETHYLAMINO)-3,5,10,12,12A-PENTAHYDROXY-6-METHYL-1,11-DIOXO-1,4,4A,5,5A,6,11,12A-OCTAHYDROTETRACENE-2-CARBOXAMIDE
5 water water
#
loop_
_entity_poly.entity_id
_entity_poly.type
_entity_poly.pdbx_seq_one_letter_code
_entity_poly.pdbx_strand_id
1 'polypeptide(L)'
;MKHHHHHHMKQNSPLDEENLTQENQDRGTHVDRGLASANVDFAFSLYKQLVLKAPDKNVIFSPLSISTALAFLSLGAHNT
TLTEILKGLKFNLTETSEAEIHQSFQHLLRTLNQSSDELQLSMGNAMFVKEQLSLLDRFTEDAKRLYGSEAFATDFQDSA
AAKKLINDYVKNGTRGKITDLIKDLDSQTMMVLVNYIFFKAKFEMPFDPQDTHQSRFYLSKKKYVMVPMMSLHHLTIPYF
RDEELSCTVVQLNYTGNASALFILPDQDKMEEVEAMLSQETLSRFFDSLEFREIGELYLPKFSISRDYNLNDILLQLGIE
EAFTSKADLSGITGARNLAVSQVVHKAVLDVFEEGTEASAATALFIPLS
;
A
2 'polypeptide(L)' LRMVETRTIVRFNRPFLMIIVDHFTWSIFFMSKVTNPKQA B
#
# COMPACT_ATOMS: atom_id res chain seq x y z
N VAL A 31 -11.36 16.98 1.75
CA VAL A 31 -10.51 16.19 0.87
C VAL A 31 -9.71 17.11 -0.04
N ASP A 32 -8.38 17.10 0.07
CA ASP A 32 -7.57 17.74 -0.96
C ASP A 32 -7.61 16.85 -2.20
N ARG A 33 -8.39 17.29 -3.19
CA ARG A 33 -8.55 16.52 -4.42
C ARG A 33 -7.23 16.31 -5.13
N GLY A 34 -6.32 17.28 -5.06
CA GLY A 34 -5.04 17.13 -5.72
C GLY A 34 -4.24 15.97 -5.15
N LEU A 35 -4.13 15.91 -3.83
CA LEU A 35 -3.44 14.80 -3.17
C LEU A 35 -4.13 13.48 -3.46
N ALA A 36 -5.47 13.44 -3.28
CA ALA A 36 -6.19 12.20 -3.54
C ALA A 36 -5.94 11.70 -4.95
N SER A 37 -5.92 12.61 -5.92
CA SER A 37 -5.73 12.17 -7.31
C SER A 37 -4.32 11.62 -7.53
N ALA A 38 -3.31 12.34 -7.03
CA ALA A 38 -1.92 11.88 -7.18
C ALA A 38 -1.73 10.50 -6.58
N ASN A 39 -2.24 10.28 -5.35
CA ASN A 39 -2.03 8.99 -4.71
C ASN A 39 -2.69 7.84 -5.49
N VAL A 40 -3.84 8.08 -6.12
CA VAL A 40 -4.50 7.00 -6.87
C VAL A 40 -3.75 6.72 -8.17
N ASP A 41 -3.34 7.77 -8.89
CA ASP A 41 -2.48 7.58 -10.06
C ASP A 41 -1.23 6.80 -9.70
N PHE A 42 -0.56 7.19 -8.61
CA PHE A 42 0.66 6.49 -8.20
C PHE A 42 0.38 5.04 -7.83
N ALA A 43 -0.78 4.77 -7.20
CA ALA A 43 -1.16 3.40 -6.89
C ALA A 43 -1.23 2.53 -8.15
N PHE A 44 -1.87 3.03 -9.21
CA PHE A 44 -1.98 2.18 -10.40
C PHE A 44 -0.68 2.12 -11.20
N SER A 45 0.17 3.16 -11.16
CA SER A 45 1.48 3.01 -11.80
C SER A 45 2.30 1.93 -11.09
N LEU A 46 2.36 2.01 -9.77
CA LEU A 46 3.04 1.00 -8.97
C LEU A 46 2.50 -0.40 -9.25
N TYR A 47 1.18 -0.55 -9.24
CA TYR A 47 0.56 -1.85 -9.49
C TYR A 47 1.05 -2.47 -10.78
N LYS A 48 1.04 -1.69 -11.87
CA LYS A 48 1.45 -2.24 -13.17
C LYS A 48 2.91 -2.68 -13.14
N GLN A 49 3.77 -1.88 -12.51
CA GLN A 49 5.19 -2.25 -12.41
C GLN A 49 5.38 -3.50 -11.57
N LEU A 50 4.64 -3.62 -10.46
CA LEU A 50 4.72 -4.82 -9.62
C LEU A 50 4.28 -6.07 -10.39
N VAL A 51 3.22 -5.96 -11.20
CA VAL A 51 2.75 -7.12 -11.99
C VAL A 51 3.75 -7.43 -13.10
N LEU A 52 4.46 -6.42 -13.61
CA LEU A 52 5.44 -6.64 -14.68
C LEU A 52 6.58 -7.54 -14.21
N LYS A 53 6.98 -7.44 -12.94
CA LYS A 53 7.98 -8.34 -12.37
C LYS A 53 7.61 -9.80 -12.58
N ALA A 54 6.42 -10.19 -12.13
CA ALA A 54 5.97 -11.57 -12.17
C ALA A 54 4.46 -11.58 -12.42
N PRO A 55 4.06 -11.70 -13.69
CA PRO A 55 2.68 -11.35 -14.06
C PRO A 55 1.60 -12.31 -13.58
N ASP A 56 1.95 -13.49 -13.04
CA ASP A 56 0.94 -14.44 -12.60
C ASP A 56 0.95 -14.67 -11.09
N LYS A 57 1.71 -13.90 -10.34
CA LYS A 57 1.83 -14.12 -8.91
C LYS A 57 0.90 -13.19 -8.15
N ASN A 58 0.54 -13.61 -6.92
CA ASN A 58 -0.19 -12.76 -5.99
C ASN A 58 0.50 -11.40 -5.86
N VAL A 59 -0.30 -10.35 -5.69
CA VAL A 59 0.21 -8.99 -5.45
C VAL A 59 -0.50 -8.46 -4.22
N ILE A 60 0.27 -7.89 -3.28
CA ILE A 60 -0.31 -7.13 -2.17
C ILE A 60 0.69 -6.05 -1.79
N PHE A 61 0.22 -4.81 -1.75
CA PHE A 61 1.06 -3.70 -1.31
C PHE A 61 0.18 -2.59 -0.80
N SER A 62 0.78 -1.67 -0.07
CA SER A 62 0.09 -0.45 0.34
C SER A 62 0.64 0.72 -0.45
N PRO A 63 -0.08 1.23 -1.45
CA PRO A 63 0.44 2.42 -2.14
C PRO A 63 0.50 3.63 -1.22
N LEU A 64 -0.42 3.73 -0.25
CA LEU A 64 -0.38 4.88 0.66
C LEU A 64 0.90 4.90 1.49
N SER A 65 1.33 3.73 1.98
CA SER A 65 2.57 3.63 2.75
C SER A 65 3.76 4.10 1.93
N ILE A 66 3.84 3.68 0.67
CA ILE A 66 4.97 4.05 -0.18
C ILE A 66 4.92 5.53 -0.54
N SER A 67 3.73 6.03 -0.90
CA SER A 67 3.60 7.45 -1.19
C SER A 67 4.04 8.30 0.00
N THR A 68 3.63 7.90 1.21
CA THR A 68 3.94 8.69 2.41
C THR A 68 5.42 8.66 2.73
N ALA A 69 6.04 7.47 2.62
CA ALA A 69 7.48 7.36 2.87
C ALA A 69 8.29 8.21 1.89
N LEU A 70 7.92 8.21 0.61
CA LEU A 70 8.64 9.01 -0.37
C LEU A 70 8.39 10.49 -0.17
N ALA A 71 7.15 10.86 0.19
CA ALA A 71 6.87 12.26 0.48
C ALA A 71 7.69 12.74 1.68
N PHE A 72 7.77 11.91 2.71
CA PHE A 72 8.66 12.16 3.85
C PHE A 72 10.10 12.37 3.39
N LEU A 73 10.61 11.49 2.51
CA LEU A 73 11.97 11.65 2.00
C LEU A 73 12.12 13.01 1.32
N SER A 74 11.13 13.42 0.52
CA SER A 74 11.24 14.65 -0.26
C SER A 74 11.31 15.89 0.63
N LEU A 75 10.80 15.79 1.87
CA LEU A 75 10.98 16.87 2.84
C LEU A 75 12.44 17.27 3.00
N GLY A 76 13.35 16.32 2.94
CA GLY A 76 14.74 16.69 3.02
C GLY A 76 15.46 16.93 1.71
N ALA A 77 14.77 16.92 0.56
CA ALA A 77 15.42 16.96 -0.74
C ALA A 77 15.35 18.36 -1.34
N HIS A 78 16.30 18.65 -2.22
CA HIS A 78 16.33 19.91 -2.94
C HIS A 78 16.60 19.67 -4.42
N ASN A 79 16.28 20.68 -5.24
CA ASN A 79 16.66 20.78 -6.66
C ASN A 79 16.12 19.56 -7.43
N THR A 80 16.92 18.91 -8.29
CA THR A 80 16.39 17.87 -9.16
C THR A 80 15.99 16.63 -8.38
N THR A 81 16.73 16.30 -7.30
CA THR A 81 16.32 15.18 -6.45
C THR A 81 14.88 15.37 -5.98
N LEU A 82 14.53 16.60 -5.58
CA LEU A 82 13.21 16.90 -5.06
C LEU A 82 12.15 16.81 -6.16
N THR A 83 12.38 17.50 -7.28
CA THR A 83 11.33 17.52 -8.32
C THR A 83 11.12 16.11 -8.89
N GLU A 84 12.16 15.29 -8.93
CA GLU A 84 11.97 13.93 -9.43
C GLU A 84 11.10 13.09 -8.51
N ILE A 85 11.30 13.21 -7.18
CA ILE A 85 10.46 12.46 -6.25
C ILE A 85 9.01 12.91 -6.40
N LEU A 86 8.77 14.22 -6.33
CA LEU A 86 7.40 14.73 -6.33
C LEU A 86 6.69 14.42 -7.64
N LYS A 87 7.39 14.52 -8.76
CA LYS A 87 6.80 14.12 -10.03
C LYS A 87 6.61 12.61 -10.10
N GLY A 88 7.52 11.83 -9.48
CA GLY A 88 7.35 10.40 -9.44
C GLY A 88 6.09 9.99 -8.69
N LEU A 89 5.78 10.69 -7.61
CA LEU A 89 4.55 10.48 -6.84
C LEU A 89 3.30 10.98 -7.56
N LYS A 90 3.46 11.53 -8.76
CA LYS A 90 2.40 11.97 -9.67
C LYS A 90 1.80 13.31 -9.28
N PHE A 91 2.54 14.16 -8.57
CA PHE A 91 2.09 15.52 -8.35
C PHE A 91 2.42 16.40 -9.55
N ASN A 92 1.59 17.40 -9.78
CA ASN A 92 1.86 18.44 -10.77
C ASN A 92 2.45 19.62 -10.01
N LEU A 93 3.77 19.74 -10.06
CA LEU A 93 4.44 20.83 -9.36
C LEU A 93 3.99 22.19 -9.87
N THR A 94 3.31 22.23 -11.01
CA THR A 94 2.79 23.48 -11.55
C THR A 94 1.51 23.92 -10.85
N GLU A 95 0.69 22.96 -10.41
CA GLU A 95 -0.55 23.27 -9.71
C GLU A 95 -0.37 23.40 -8.20
N THR A 96 0.66 22.78 -7.63
CA THR A 96 0.83 22.75 -6.19
C THR A 96 2.30 22.95 -5.82
N SER A 97 2.53 23.63 -4.70
CA SER A 97 3.87 23.86 -4.19
C SER A 97 4.32 22.71 -3.30
N GLU A 98 5.63 22.66 -3.03
CA GLU A 98 6.15 21.65 -2.11
C GLU A 98 5.50 21.77 -0.73
N ALA A 99 5.28 23.01 -0.27
CA ALA A 99 4.67 23.22 1.04
C ALA A 99 3.25 22.67 1.08
N GLU A 100 2.46 22.93 0.03
CA GLU A 100 1.09 22.46 0.03
C GLU A 100 1.02 20.93 0.01
N ILE A 101 1.98 20.29 -0.65
CA ILE A 101 2.03 18.82 -0.65
C ILE A 101 2.28 18.29 0.75
N HIS A 102 3.31 18.81 1.43
CA HIS A 102 3.58 18.35 2.79
C HIS A 102 2.38 18.63 3.70
N GLN A 103 1.75 19.79 3.53
CA GLN A 103 0.56 20.10 4.32
C GLN A 103 -0.57 19.12 4.03
N SER A 104 -0.74 18.72 2.77
CA SER A 104 -1.79 17.76 2.44
C SER A 104 -1.54 16.42 3.11
N PHE A 105 -0.28 15.97 3.15
CA PHE A 105 0.03 14.71 3.81
C PHE A 105 -0.14 14.82 5.32
N GLN A 106 0.20 15.97 5.90
CA GLN A 106 -0.03 16.18 7.32
C GLN A 106 -1.52 16.04 7.62
N HIS A 107 -2.36 16.72 6.82
CA HIS A 107 -3.80 16.67 6.99
C HIS A 107 -4.32 15.25 6.78
N LEU A 108 -3.80 14.54 5.77
CA LEU A 108 -4.20 13.15 5.53
C LEU A 108 -3.87 12.27 6.72
N LEU A 109 -2.63 12.35 7.22
CA LEU A 109 -2.22 11.48 8.33
C LEU A 109 -3.08 11.72 9.57
N ARG A 110 -3.43 12.99 9.82
CA ARG A 110 -4.26 13.30 10.99
C ARG A 110 -5.67 12.75 10.81
N THR A 111 -6.20 12.83 9.58
CA THR A 111 -7.55 12.33 9.35
C THR A 111 -7.65 10.82 9.52
N LEU A 112 -6.61 10.09 9.10
CA LEU A 112 -6.69 8.62 9.11
C LEU A 112 -6.64 8.06 10.52
N ASN A 113 -5.57 8.35 11.25
CA ASN A 113 -5.34 7.77 12.58
C ASN A 113 -6.53 7.93 13.54
N GLU A 118 -14.48 1.51 16.40
CA GLU A 118 -15.13 1.27 15.10
C GLU A 118 -14.36 0.21 14.30
N LEU A 119 -13.33 0.67 13.60
CA LEU A 119 -12.29 -0.17 13.02
C LEU A 119 -10.95 0.25 13.60
N GLN A 120 -9.91 -0.51 13.28
CA GLN A 120 -8.57 -0.21 13.75
C GLN A 120 -7.72 0.24 12.57
N LEU A 121 -7.10 1.41 12.69
CA LEU A 121 -6.37 2.00 11.59
C LEU A 121 -5.28 2.89 12.16
N SER A 122 -4.05 2.66 11.74
CA SER A 122 -2.98 3.57 12.15
C SER A 122 -1.88 3.57 11.10
N MET A 123 -1.18 4.70 11.02
CA MET A 123 -0.03 4.90 10.16
C MET A 123 1.03 5.63 10.98
N GLY A 124 2.28 5.22 10.83
CA GLY A 124 3.36 5.86 11.57
C GLY A 124 4.55 6.10 10.66
N ASN A 125 5.31 7.16 10.99
CA ASN A 125 6.57 7.48 10.33
C ASN A 125 7.68 7.63 11.35
N ALA A 126 8.89 7.19 11.00
CA ALA A 126 10.03 7.31 11.90
C ALA A 126 11.31 7.46 11.10
N MET A 127 12.31 8.08 11.72
CA MET A 127 13.67 8.07 11.19
C MET A 127 14.61 7.48 12.24
N PHE A 128 15.43 6.53 11.81
CA PHE A 128 16.48 5.96 12.64
C PHE A 128 17.80 6.53 12.13
N VAL A 129 18.55 7.20 13.01
CA VAL A 129 19.66 8.04 12.61
C VAL A 129 20.91 7.66 13.41
N LYS A 130 22.04 7.54 12.71
CA LYS A 130 23.31 7.31 13.38
C LYS A 130 23.48 8.36 14.46
N GLU A 131 23.78 7.90 15.69
CA GLU A 131 23.72 8.79 16.84
C GLU A 131 24.52 10.07 16.62
N GLN A 132 25.69 9.96 16.00
CA GLN A 132 26.57 11.11 15.81
C GLN A 132 26.17 12.01 14.64
N LEU A 133 25.21 11.60 13.81
CA LEU A 133 24.93 12.33 12.58
C LEU A 133 24.22 13.65 12.89
N SER A 134 24.73 14.73 12.30
CA SER A 134 24.19 16.07 12.53
C SER A 134 23.02 16.32 11.57
N LEU A 135 21.86 16.62 12.14
CA LEU A 135 20.64 16.94 11.40
C LEU A 135 20.25 18.38 11.67
N LEU A 136 19.70 19.04 10.66
CA LEU A 136 19.17 20.40 10.80
C LEU A 136 17.98 20.39 11.73
N ASP A 137 17.95 21.36 12.66
CA ASP A 137 16.79 21.50 13.55
C ASP A 137 15.50 21.65 12.75
N ARG A 138 15.55 22.42 11.67
CA ARG A 138 14.34 22.63 10.88
C ARG A 138 13.82 21.31 10.31
N PHE A 139 14.71 20.36 9.99
CA PHE A 139 14.25 19.11 9.41
C PHE A 139 13.57 18.22 10.45
N THR A 140 14.20 18.03 11.63
CA THR A 140 13.55 17.21 12.64
C THR A 140 12.28 17.87 13.16
N GLU A 141 12.24 19.20 13.24
CA GLU A 141 11.01 19.85 13.65
C GLU A 141 9.91 19.66 12.60
N ASP A 142 10.24 19.90 11.31
CA ASP A 142 9.26 19.68 10.23
C ASP A 142 8.85 18.21 10.11
N ALA A 143 9.81 17.29 10.26
CA ALA A 143 9.47 15.87 10.20
C ALA A 143 8.48 15.49 11.30
N LYS A 144 8.66 16.03 12.49
CA LYS A 144 7.70 15.75 13.56
C LYS A 144 6.35 16.40 13.27
N ARG A 145 6.35 17.67 12.89
CA ARG A 145 5.10 18.42 12.71
C ARG A 145 4.27 17.91 11.53
N LEU A 146 4.91 17.57 10.42
CA LEU A 146 4.20 17.22 9.19
C LEU A 146 3.94 15.73 9.06
N TYR A 147 4.91 14.89 9.41
CA TYR A 147 4.77 13.45 9.21
C TYR A 147 4.65 12.68 10.51
N GLY A 148 4.62 13.38 11.65
CA GLY A 148 4.51 12.69 12.92
C GLY A 148 5.73 11.86 13.24
N SER A 149 6.90 12.22 12.71
CA SER A 149 8.09 11.38 12.82
C SER A 149 8.99 11.81 13.96
N GLU A 150 9.38 10.85 14.80
CA GLU A 150 10.44 11.03 15.78
C GLU A 150 11.79 10.70 15.14
N ALA A 151 12.86 11.04 15.85
CA ALA A 151 14.22 10.70 15.45
C ALA A 151 14.79 9.74 16.50
N PHE A 152 15.13 8.52 16.07
CA PHE A 152 15.70 7.50 16.96
C PHE A 152 17.20 7.44 16.73
N ALA A 153 17.97 7.72 17.79
CA ALA A 153 19.41 7.48 17.76
C ALA A 153 19.68 5.99 17.63
N THR A 154 20.56 5.62 16.71
CA THR A 154 20.78 4.24 16.30
C THR A 154 22.27 4.05 16.02
N ASP A 155 22.83 2.95 16.53
CA ASP A 155 24.23 2.61 16.27
C ASP A 155 24.27 1.62 15.11
N PHE A 156 24.36 2.14 13.89
CA PHE A 156 24.26 1.28 12.72
C PHE A 156 25.48 0.37 12.54
N GLN A 157 26.61 0.69 13.18
CA GLN A 157 27.76 -0.20 13.12
C GLN A 157 27.59 -1.44 13.98
N ASP A 158 26.77 -1.36 15.04
CA ASP A 158 26.25 -2.54 15.71
C ASP A 158 25.05 -3.03 14.88
N SER A 159 25.36 -3.72 13.79
CA SER A 159 24.38 -3.98 12.75
C SER A 159 23.16 -4.72 13.29
N ALA A 160 23.37 -5.81 14.03
CA ALA A 160 22.25 -6.64 14.44
C ALA A 160 21.34 -5.93 15.45
N ALA A 161 21.89 -5.06 16.30
CA ALA A 161 21.05 -4.36 17.27
C ALA A 161 20.25 -3.25 16.60
N ALA A 162 20.82 -2.59 15.61
CA ALA A 162 20.07 -1.59 14.85
C ALA A 162 18.91 -2.23 14.12
N LYS A 163 19.16 -3.38 13.49
CA LYS A 163 18.09 -4.10 12.80
C LYS A 163 16.96 -4.47 13.76
N LYS A 164 17.31 -4.81 15.01
CA LYS A 164 16.28 -5.21 15.96
C LYS A 164 15.47 -4.02 16.44
N LEU A 165 16.12 -2.85 16.60
CA LEU A 165 15.40 -1.65 16.97
C LEU A 165 14.37 -1.25 15.92
N ILE A 166 14.72 -1.38 14.63
CA ILE A 166 13.83 -0.96 13.56
C ILE A 166 12.68 -1.95 13.40
N ASN A 167 12.99 -3.24 13.35
CA ASN A 167 11.96 -4.26 13.25
C ASN A 167 11.01 -4.23 14.44
N ASP A 168 11.54 -3.97 15.64
CA ASP A 168 10.67 -3.83 16.81
C ASP A 168 9.69 -2.69 16.62
N TYR A 169 10.17 -1.55 16.12
CA TYR A 169 9.28 -0.43 15.84
C TYR A 169 8.16 -0.85 14.88
N VAL A 170 8.52 -1.60 13.84
CA VAL A 170 7.51 -2.00 12.84
C VAL A 170 6.56 -3.05 13.43
N LYS A 171 7.09 -4.01 14.20
CA LYS A 171 6.22 -4.99 14.86
C LYS A 171 5.18 -4.31 15.74
N ASN A 172 5.63 -3.37 16.59
CA ASN A 172 4.74 -2.61 17.43
C ASN A 172 3.67 -1.90 16.62
N GLY A 173 4.09 -1.17 15.58
CA GLY A 173 3.13 -0.41 14.79
C GLY A 173 2.13 -1.29 14.06
N THR A 174 2.53 -2.49 13.66
CA THR A 174 1.68 -3.40 12.91
C THR A 174 1.07 -4.51 13.77
N ARG A 175 1.22 -4.44 15.10
CA ARG A 175 0.69 -5.43 16.04
C ARG A 175 1.19 -6.84 15.72
N GLY A 176 2.49 -6.95 15.45
CA GLY A 176 3.09 -8.25 15.19
C GLY A 176 2.91 -8.79 13.79
N LYS A 177 2.19 -8.08 12.91
CA LYS A 177 1.95 -8.63 11.57
C LYS A 177 3.18 -8.55 10.69
N ILE A 178 4.02 -7.53 10.85
CA ILE A 178 5.24 -7.38 10.05
C ILE A 178 6.41 -7.25 11.01
N THR A 179 7.30 -8.24 11.01
CA THR A 179 8.36 -8.33 12.00
C THR A 179 9.76 -8.47 11.41
N ASP A 180 9.90 -8.62 10.08
CA ASP A 180 11.21 -8.81 9.47
C ASP A 180 11.36 -7.94 8.21
N LEU A 181 10.87 -6.70 8.28
CA LEU A 181 11.06 -5.77 7.18
C LEU A 181 12.54 -5.54 6.92
N ILE A 182 13.35 -5.47 7.98
CA ILE A 182 14.79 -5.31 7.85
C ILE A 182 15.46 -6.67 7.94
N LYS A 183 16.12 -7.08 6.86
CA LYS A 183 16.83 -8.35 6.87
C LYS A 183 18.32 -8.08 6.95
N ASP A 184 18.92 -7.57 5.88
CA ASP A 184 20.29 -7.08 5.93
C ASP A 184 20.31 -5.57 6.10
N LEU A 185 21.39 -5.08 6.72
CA LEU A 185 21.51 -3.67 7.09
C LEU A 185 23.00 -3.35 7.17
N ASP A 186 23.51 -2.69 6.14
CA ASP A 186 24.92 -2.32 6.09
C ASP A 186 25.33 -1.53 7.33
N SER A 187 26.56 -1.77 7.78
CA SER A 187 27.08 -1.08 8.96
C SER A 187 27.32 0.41 8.74
N GLN A 188 27.43 0.85 7.49
CA GLN A 188 27.70 2.26 7.21
C GLN A 188 26.44 3.03 6.83
N THR A 189 25.25 2.49 7.12
CA THR A 189 24.00 3.23 6.98
C THR A 189 24.02 4.43 7.92
N MET A 190 23.54 5.57 7.42
CA MET A 190 23.39 6.78 8.21
C MET A 190 21.97 7.01 8.71
N MET A 191 20.97 6.67 7.88
CA MET A 191 19.61 6.75 8.36
CA MET A 191 19.57 6.87 8.25
C MET A 191 18.72 5.78 7.59
N VAL A 192 17.66 5.38 8.27
CA VAL A 192 16.60 4.58 7.68
C VAL A 192 15.31 5.31 7.97
N LEU A 193 14.57 5.68 6.92
CA LEU A 193 13.22 6.21 7.08
C LEU A 193 12.21 5.09 6.92
N VAL A 194 11.21 5.06 7.81
CA VAL A 194 10.25 3.97 7.88
C VAL A 194 8.83 4.51 7.94
N ASN A 195 7.93 3.89 7.18
CA ASN A 195 6.51 4.10 7.31
C ASN A 195 5.84 2.74 7.54
N TYR A 196 4.82 2.69 8.39
CA TYR A 196 4.00 1.50 8.51
C TYR A 196 2.52 1.88 8.48
N ILE A 197 1.70 0.91 8.14
CA ILE A 197 0.25 1.08 8.18
C ILE A 197 -0.33 -0.23 8.69
N PHE A 198 -1.35 -0.11 9.54
CA PHE A 198 -2.01 -1.26 10.14
C PHE A 198 -3.51 -1.06 9.99
N PHE A 199 -4.21 -2.13 9.59
CA PHE A 199 -5.62 -2.06 9.30
C PHE A 199 -6.30 -3.34 9.78
N LYS A 200 -7.39 -3.19 10.53
CA LYS A 200 -8.15 -4.35 11.00
C LYS A 200 -9.59 -3.93 11.18
N ALA A 201 -10.49 -4.57 10.43
CA ALA A 201 -11.88 -4.13 10.34
C ALA A 201 -12.81 -5.32 10.29
N LYS A 202 -14.02 -5.13 10.79
CA LYS A 202 -15.07 -6.13 10.73
C LYS A 202 -15.97 -5.84 9.53
N PHE A 203 -16.31 -6.91 8.79
CA PHE A 203 -17.36 -6.79 7.80
C PHE A 203 -18.64 -6.33 8.48
N GLU A 204 -19.37 -5.42 7.85
CA GLU A 204 -20.68 -5.11 8.42
C GLU A 204 -21.68 -6.21 8.14
N MET A 205 -21.47 -6.98 7.05
CA MET A 205 -22.21 -8.19 6.76
C MET A 205 -21.25 -9.39 6.82
N PRO A 206 -20.94 -9.88 8.01
CA PRO A 206 -19.90 -10.91 8.12
C PRO A 206 -20.36 -12.26 7.57
N PHE A 207 -19.38 -13.05 7.12
CA PHE A 207 -19.63 -14.43 6.73
C PHE A 207 -19.79 -15.30 7.97
N ASP A 208 -20.63 -16.33 7.85
CA ASP A 208 -20.81 -17.30 8.93
C ASP A 208 -19.88 -18.48 8.69
N PRO A 209 -18.92 -18.76 9.59
CA PRO A 209 -17.97 -19.85 9.32
C PRO A 209 -18.64 -21.21 9.13
N GLN A 210 -19.85 -21.40 9.65
CA GLN A 210 -20.60 -22.62 9.38
C GLN A 210 -20.79 -22.84 7.89
N ASP A 211 -20.82 -21.77 7.09
CA ASP A 211 -21.05 -21.84 5.66
C ASP A 211 -19.76 -21.83 4.85
N THR A 212 -18.60 -21.98 5.49
CA THR A 212 -17.33 -22.07 4.79
C THR A 212 -17.07 -23.53 4.42
N HIS A 213 -16.83 -23.79 3.14
CA HIS A 213 -16.65 -25.13 2.61
C HIS A 213 -15.50 -25.14 1.61
N GLN A 214 -14.81 -26.28 1.53
CA GLN A 214 -13.78 -26.42 0.50
C GLN A 214 -14.43 -26.38 -0.88
N SER A 215 -13.90 -25.53 -1.76
CA SER A 215 -14.41 -25.45 -3.14
C SER A 215 -13.25 -25.20 -4.09
N ARG A 216 -13.53 -25.40 -5.37
CA ARG A 216 -12.52 -25.22 -6.41
C ARG A 216 -12.13 -23.74 -6.56
N PHE A 217 -10.84 -23.50 -6.70
CA PHE A 217 -10.33 -22.22 -7.19
C PHE A 217 -9.53 -22.50 -8.46
N TYR A 218 -9.91 -21.86 -9.55
CA TYR A 218 -9.25 -22.06 -10.85
C TYR A 218 -8.07 -21.12 -10.96
N LEU A 219 -6.87 -21.67 -10.74
CA LEU A 219 -5.66 -20.90 -10.99
C LEU A 219 -5.54 -20.54 -12.46
N SER A 220 -6.00 -21.44 -13.33
CA SER A 220 -6.19 -21.18 -14.75
C SER A 220 -7.42 -21.97 -15.16
N LYS A 221 -7.75 -21.92 -16.45
CA LYS A 221 -8.90 -22.69 -16.91
C LYS A 221 -8.72 -24.18 -16.66
N LYS A 222 -7.47 -24.67 -16.73
CA LYS A 222 -7.18 -26.10 -16.69
C LYS A 222 -6.43 -26.54 -15.43
N LYS A 223 -6.14 -25.63 -14.50
CA LYS A 223 -5.50 -25.99 -13.24
C LYS A 223 -6.34 -25.43 -12.10
N TYR A 224 -6.77 -26.31 -11.20
CA TYR A 224 -7.59 -25.89 -10.07
C TYR A 224 -7.25 -26.71 -8.84
N VAL A 225 -7.44 -26.07 -7.68
CA VAL A 225 -7.19 -26.63 -6.35
C VAL A 225 -8.41 -26.35 -5.50
N MET A 226 -8.48 -27.00 -4.34
CA MET A 226 -9.57 -26.79 -3.40
C MET A 226 -9.11 -25.80 -2.34
N VAL A 227 -9.94 -24.81 -2.03
CA VAL A 227 -9.60 -23.80 -1.03
C VAL A 227 -10.81 -23.59 -0.12
N PRO A 228 -10.59 -23.05 1.09
CA PRO A 228 -11.74 -22.67 1.94
C PRO A 228 -12.48 -21.49 1.33
N MET A 229 -13.76 -21.72 1.03
CA MET A 229 -14.60 -20.76 0.32
C MET A 229 -15.71 -20.32 1.26
N MET A 230 -15.69 -19.05 1.66
CA MET A 230 -16.76 -18.50 2.47
C MET A 230 -17.96 -18.17 1.59
N SER A 231 -19.15 -18.14 2.19
CA SER A 231 -20.34 -17.82 1.39
C SER A 231 -21.33 -17.04 2.22
N LEU A 232 -22.06 -16.16 1.53
CA LEU A 232 -23.15 -15.37 2.09
C LEU A 232 -24.38 -15.58 1.23
N HIS A 233 -25.54 -15.67 1.87
CA HIS A 233 -26.80 -15.93 1.19
CA HIS A 233 -26.81 -15.94 1.20
C HIS A 233 -27.68 -14.70 1.22
N HIS A 234 -28.34 -14.41 0.11
CA HIS A 234 -29.30 -13.32 -0.03
C HIS A 234 -28.81 -11.99 0.53
N LEU A 235 -27.94 -11.34 -0.23
CA LEU A 235 -27.14 -10.22 0.24
C LEU A 235 -27.43 -9.03 -0.66
N THR A 236 -27.69 -7.87 -0.07
CA THR A 236 -27.86 -6.65 -0.85
C THR A 236 -26.61 -5.79 -0.68
N ILE A 237 -25.81 -5.69 -1.74
CA ILE A 237 -24.57 -4.92 -1.70
C ILE A 237 -24.41 -4.13 -2.99
N PRO A 238 -23.57 -3.10 -2.98
CA PRO A 238 -23.31 -2.36 -4.22
C PRO A 238 -22.67 -3.29 -5.24
N TYR A 239 -23.16 -3.21 -6.47
CA TYR A 239 -22.87 -4.21 -7.50
C TYR A 239 -22.86 -3.52 -8.85
N PHE A 240 -21.97 -3.98 -9.74
CA PHE A 240 -21.90 -3.45 -11.09
C PHE A 240 -21.34 -4.52 -12.02
N ARG A 241 -22.10 -4.86 -13.06
CA ARG A 241 -21.63 -5.78 -14.10
C ARG A 241 -21.17 -4.93 -15.28
N ASP A 242 -19.88 -5.04 -15.63
CA ASP A 242 -19.32 -4.29 -16.74
C ASP A 242 -19.19 -5.24 -17.92
N GLU A 243 -20.21 -5.24 -18.77
CA GLU A 243 -20.23 -6.17 -19.91
C GLU A 243 -19.11 -5.89 -20.89
N GLU A 244 -18.79 -4.61 -21.12
CA GLU A 244 -17.72 -4.28 -22.06
C GLU A 244 -16.37 -4.80 -21.58
N LEU A 245 -16.10 -4.70 -20.28
CA LEU A 245 -14.82 -5.15 -19.74
C LEU A 245 -14.88 -6.58 -19.22
N SER A 246 -16.01 -7.26 -19.36
CA SER A 246 -16.15 -8.65 -18.92
C SER A 246 -15.71 -8.83 -17.46
N CYS A 247 -16.24 -8.01 -16.58
CA CYS A 247 -15.92 -8.15 -15.17
C CYS A 247 -17.12 -7.75 -14.31
N THR A 248 -17.14 -8.28 -13.10
CA THR A 248 -18.16 -7.99 -12.11
C THR A 248 -17.47 -7.33 -10.93
N VAL A 249 -18.09 -6.27 -10.42
CA VAL A 249 -17.53 -5.44 -9.36
C VAL A 249 -18.52 -5.43 -8.20
N VAL A 250 -18.04 -5.72 -6.99
CA VAL A 250 -18.87 -5.62 -5.79
C VAL A 250 -18.05 -4.94 -4.70
N GLN A 251 -18.76 -4.30 -3.78
CA GLN A 251 -18.16 -3.62 -2.64
C GLN A 251 -18.68 -4.24 -1.36
N LEU A 252 -17.77 -4.70 -0.50
CA LEU A 252 -18.07 -5.17 0.85
C LEU A 252 -17.63 -4.09 1.85
N ASN A 253 -18.59 -3.50 2.55
CA ASN A 253 -18.28 -2.46 3.52
C ASN A 253 -17.72 -3.05 4.82
N TYR A 254 -16.82 -2.28 5.45
CA TYR A 254 -16.45 -2.51 6.84
C TYR A 254 -17.25 -1.58 7.74
N THR A 255 -17.25 -1.90 9.04
CA THR A 255 -17.99 -1.12 10.03
C THR A 255 -17.65 0.38 9.98
N GLY A 256 -16.38 0.72 9.74
CA GLY A 256 -15.97 2.10 9.64
C GLY A 256 -16.34 2.72 8.30
N ASN A 257 -15.62 3.79 7.94
CA ASN A 257 -15.81 4.48 6.67
C ASN A 257 -15.10 3.80 5.50
N ALA A 258 -14.53 2.63 5.74
CA ALA A 258 -13.71 1.92 4.78
C ALA A 258 -14.51 0.79 4.14
N SER A 259 -14.12 0.42 2.92
CA SER A 259 -14.72 -0.72 2.24
C SER A 259 -13.66 -1.42 1.40
N ALA A 260 -14.02 -2.62 0.95
CA ALA A 260 -13.23 -3.40 0.01
C ALA A 260 -13.98 -3.42 -1.31
N LEU A 261 -13.34 -2.92 -2.37
CA LEU A 261 -13.86 -3.08 -3.71
C LEU A 261 -13.21 -4.32 -4.31
N PHE A 262 -14.04 -5.27 -4.74
CA PHE A 262 -13.58 -6.49 -5.37
C PHE A 262 -13.88 -6.41 -6.86
N ILE A 263 -12.90 -6.76 -7.69
CA ILE A 263 -13.10 -6.80 -9.14
C ILE A 263 -12.85 -8.23 -9.58
N LEU A 264 -13.87 -8.84 -10.19
CA LEU A 264 -13.80 -10.24 -10.58
C LEU A 264 -13.89 -10.31 -12.10
N PRO A 265 -12.77 -10.43 -12.81
CA PRO A 265 -12.83 -10.61 -14.26
C PRO A 265 -13.43 -11.98 -14.58
N ASP A 266 -14.12 -12.05 -15.71
CA ASP A 266 -14.53 -13.34 -16.25
C ASP A 266 -13.29 -14.21 -16.47
N GLN A 267 -13.51 -15.52 -16.61
CA GLN A 267 -12.40 -16.45 -16.84
C GLN A 267 -11.59 -16.01 -18.05
N ASP A 268 -10.26 -16.00 -17.89
CA ASP A 268 -9.29 -15.57 -18.91
C ASP A 268 -9.42 -14.09 -19.26
N LYS A 269 -10.06 -13.27 -18.43
CA LYS A 269 -10.15 -11.85 -18.73
C LYS A 269 -9.36 -10.99 -17.74
N MET A 270 -8.51 -11.61 -16.91
CA MET A 270 -7.75 -10.81 -15.95
C MET A 270 -6.82 -9.84 -16.68
N GLU A 271 -6.12 -10.32 -17.72
CA GLU A 271 -5.22 -9.45 -18.46
C GLU A 271 -5.96 -8.30 -19.11
N GLU A 272 -7.15 -8.58 -19.66
CA GLU A 272 -7.98 -7.53 -20.23
C GLU A 272 -8.37 -6.51 -19.16
N VAL A 273 -8.79 -6.97 -17.97
CA VAL A 273 -9.24 -6.00 -16.96
C VAL A 273 -8.05 -5.17 -16.46
N GLU A 274 -6.90 -5.81 -16.22
CA GLU A 274 -5.71 -5.08 -15.83
C GLU A 274 -5.32 -4.02 -16.86
N ALA A 275 -5.59 -4.27 -18.15
CA ALA A 275 -5.27 -3.31 -19.19
C ALA A 275 -6.06 -2.01 -19.04
N MET A 276 -7.21 -2.05 -18.37
CA MET A 276 -8.04 -0.85 -18.23
C MET A 276 -7.85 -0.15 -16.88
N LEU A 277 -7.11 -0.74 -15.95
CA LEU A 277 -7.02 -0.15 -14.61
C LEU A 277 -6.36 1.22 -14.66
N SER A 278 -6.97 2.16 -13.96
CA SER A 278 -6.58 3.56 -13.92
C SER A 278 -7.48 4.25 -12.91
N GLN A 279 -7.10 5.47 -12.52
CA GLN A 279 -7.98 6.28 -11.69
C GLN A 279 -9.35 6.46 -12.36
N GLU A 280 -9.35 6.80 -13.65
CA GLU A 280 -10.61 7.01 -14.36
C GLU A 280 -11.50 5.76 -14.34
N THR A 281 -10.92 4.59 -14.60
CA THR A 281 -11.70 3.35 -14.59
C THR A 281 -12.22 3.01 -13.19
N LEU A 282 -11.36 3.14 -12.18
CA LEU A 282 -11.81 2.86 -10.81
C LEU A 282 -12.97 3.79 -10.42
N SER A 283 -12.84 5.09 -10.72
CA SER A 283 -13.93 6.03 -10.47
C SER A 283 -15.20 5.62 -11.18
N ARG A 284 -15.10 5.25 -12.46
CA ARG A 284 -16.26 4.76 -13.20
C ARG A 284 -16.86 3.52 -12.52
N PHE A 285 -16.02 2.63 -11.99
CA PHE A 285 -16.52 1.49 -11.24
C PHE A 285 -17.37 1.94 -10.06
N PHE A 286 -16.78 2.75 -9.18
CA PHE A 286 -17.50 3.24 -8.01
C PHE A 286 -18.78 3.95 -8.42
N ASP A 287 -18.71 4.81 -9.44
CA ASP A 287 -19.88 5.58 -9.86
C ASP A 287 -20.98 4.72 -10.43
N SER A 288 -20.67 3.51 -10.88
CA SER A 288 -21.64 2.63 -11.52
C SER A 288 -22.24 1.60 -10.58
N LEU A 289 -21.76 1.53 -9.34
CA LEU A 289 -22.29 0.59 -8.37
C LEU A 289 -23.75 0.94 -8.04
N GLU A 290 -24.59 -0.09 -7.97
CA GLU A 290 -25.95 0.06 -7.49
C GLU A 290 -26.26 -1.07 -6.53
N PHE A 291 -27.06 -0.78 -5.52
CA PHE A 291 -27.48 -1.84 -4.61
C PHE A 291 -28.24 -2.91 -5.38
N ARG A 292 -27.96 -4.17 -5.05
CA ARG A 292 -28.52 -5.30 -5.78
C ARG A 292 -28.53 -6.48 -4.83
N GLU A 293 -29.58 -7.30 -4.91
CA GLU A 293 -29.68 -8.47 -4.04
C GLU A 293 -28.98 -9.63 -4.73
N ILE A 294 -27.99 -10.19 -4.06
CA ILE A 294 -27.19 -11.28 -4.61
C ILE A 294 -27.76 -12.58 -4.07
N GLY A 295 -28.01 -13.53 -4.97
CA GLY A 295 -28.41 -14.86 -4.54
C GLY A 295 -27.39 -15.44 -3.59
N GLU A 296 -26.14 -15.57 -4.04
CA GLU A 296 -25.09 -16.00 -3.13
C GLU A 296 -23.76 -15.42 -3.58
N LEU A 297 -22.89 -15.19 -2.59
CA LEU A 297 -21.55 -14.66 -2.81
C LEU A 297 -20.56 -15.65 -2.24
N TYR A 298 -19.60 -16.07 -3.07
CA TYR A 298 -18.53 -16.97 -2.64
C TYR A 298 -17.20 -16.20 -2.69
N LEU A 299 -16.49 -16.20 -1.55
CA LEU A 299 -15.23 -15.49 -1.42
C LEU A 299 -14.26 -16.40 -0.66
N PRO A 300 -13.07 -16.64 -1.19
CA PRO A 300 -12.12 -17.49 -0.46
C PRO A 300 -11.64 -16.80 0.80
N LYS A 301 -11.39 -17.63 1.82
CA LYS A 301 -10.65 -17.23 3.00
C LYS A 301 -9.18 -17.39 2.70
N PHE A 302 -8.39 -16.35 2.91
CA PHE A 302 -7.01 -16.45 2.46
C PHE A 302 -6.13 -15.49 3.23
N SER A 303 -4.82 -15.75 3.15
CA SER A 303 -3.79 -14.93 3.75
C SER A 303 -2.60 -14.90 2.81
N ILE A 304 -2.22 -13.70 2.33
CA ILE A 304 -1.08 -13.58 1.43
C ILE A 304 -0.11 -12.52 1.94
N SER A 305 1.15 -12.66 1.51
CA SER A 305 2.24 -11.81 1.96
C SER A 305 3.22 -11.63 0.80
N ARG A 306 3.74 -10.41 0.63
CA ARG A 306 4.74 -10.14 -0.39
C ARG A 306 5.82 -9.20 0.15
N ASP A 307 7.04 -9.37 -0.36
CA ASP A 307 8.23 -8.62 0.04
C ASP A 307 8.86 -8.09 -1.25
N TYR A 308 9.05 -6.77 -1.33
CA TYR A 308 9.55 -6.15 -2.55
C TYR A 308 10.75 -5.26 -2.31
N ASN A 309 11.70 -5.28 -3.24
CA ASN A 309 12.67 -4.20 -3.38
C ASN A 309 12.17 -3.28 -4.48
N LEU A 310 12.03 -1.99 -4.18
CA LEU A 310 11.39 -1.04 -5.11
C LEU A 310 12.39 -0.25 -5.96
N ASN A 311 13.68 -0.53 -5.86
CA ASN A 311 14.69 0.29 -6.56
C ASN A 311 14.39 0.38 -8.06
N ASP A 312 14.30 -0.78 -8.72
CA ASP A 312 14.04 -0.78 -10.17
C ASP A 312 12.78 -0.01 -10.51
N ILE A 313 11.72 -0.19 -9.73
CA ILE A 313 10.45 0.46 -10.03
C ILE A 313 10.55 1.96 -9.83
N LEU A 314 11.18 2.39 -8.74
CA LEU A 314 11.32 3.83 -8.53
C LEU A 314 12.17 4.47 -9.61
N LEU A 315 13.24 3.80 -10.05
CA LEU A 315 14.02 4.31 -11.17
C LEU A 315 13.15 4.45 -12.42
N GLN A 316 12.37 3.42 -12.72
CA GLN A 316 11.47 3.47 -13.89
C GLN A 316 10.47 4.62 -13.78
N LEU A 317 10.00 4.92 -12.58
CA LEU A 317 9.08 6.04 -12.40
C LEU A 317 9.80 7.40 -12.37
N GLY A 318 11.10 7.45 -12.65
CA GLY A 318 11.82 8.70 -12.79
C GLY A 318 12.55 9.19 -11.56
N ILE A 319 12.49 8.49 -10.44
CA ILE A 319 13.25 8.90 -9.25
C ILE A 319 14.66 8.34 -9.41
N GLU A 320 15.59 9.13 -9.94
CA GLU A 320 16.93 8.64 -10.28
C GLU A 320 18.03 9.29 -9.45
N GLU A 321 18.06 10.62 -9.35
CA GLU A 321 19.18 11.29 -8.70
C GLU A 321 19.32 10.88 -7.24
N ALA A 322 18.20 10.62 -6.55
CA ALA A 322 18.24 10.16 -5.16
C ALA A 322 19.14 8.95 -4.97
N PHE A 323 19.31 8.14 -6.01
CA PHE A 323 20.09 6.92 -5.91
C PHE A 323 21.54 7.10 -6.33
N THR A 324 21.92 8.27 -6.80
CA THR A 324 23.26 8.47 -7.37
C THR A 324 24.05 9.42 -6.49
N SER A 325 25.34 9.59 -6.85
CA SER A 325 26.20 10.51 -6.11
C SER A 325 25.79 11.97 -6.31
N LYS A 326 24.89 12.25 -7.23
CA LYS A 326 24.36 13.60 -7.39
C LYS A 326 23.14 13.86 -6.51
N ALA A 327 22.79 12.93 -5.61
CA ALA A 327 21.63 13.11 -4.75
C ALA A 327 21.76 14.38 -3.90
N ASP A 328 20.67 15.11 -3.78
CA ASP A 328 20.62 16.32 -2.97
C ASP A 328 19.56 16.12 -1.89
N LEU A 329 19.99 15.58 -0.75
CA LEU A 329 19.18 15.48 0.45
C LEU A 329 19.68 16.45 1.53
N SER A 330 20.14 17.64 1.10
CA SER A 330 20.75 18.61 2.02
C SER A 330 19.73 19.30 2.90
N GLY A 331 18.44 19.14 2.64
CA GLY A 331 17.44 19.57 3.61
C GLY A 331 17.45 18.76 4.88
N ILE A 332 18.13 17.62 4.90
CA ILE A 332 18.21 16.80 6.10
C ILE A 332 19.34 17.24 7.01
N THR A 333 20.53 17.44 6.44
CA THR A 333 21.78 17.58 7.17
C THR A 333 22.47 18.92 6.99
N GLY A 334 22.07 19.73 6.01
CA GLY A 334 22.82 20.92 5.65
C GLY A 334 23.97 20.67 4.72
N ALA A 335 24.01 19.50 4.08
CA ALA A 335 25.10 19.12 3.20
C ALA A 335 24.54 18.10 2.22
N ARG A 336 25.13 18.04 1.03
CA ARG A 336 24.76 17.00 0.07
C ARG A 336 25.55 15.74 0.36
N ASN A 337 25.28 15.17 1.55
CA ASN A 337 26.08 14.06 2.06
C ASN A 337 25.29 12.76 2.23
N LEU A 338 24.09 12.65 1.63
CA LEU A 338 23.24 11.47 1.80
C LEU A 338 22.64 11.06 0.45
N ALA A 339 22.45 9.75 0.27
CA ALA A 339 21.83 9.21 -0.92
C ALA A 339 21.12 7.91 -0.55
N VAL A 340 20.08 7.57 -1.31
CA VAL A 340 19.32 6.36 -1.05
C VAL A 340 20.05 5.18 -1.68
N SER A 341 20.19 4.09 -0.91
CA SER A 341 20.71 2.84 -1.46
C SER A 341 19.64 1.78 -1.71
N GLN A 342 18.61 1.71 -0.87
CA GLN A 342 17.62 0.64 -0.98
C GLN A 342 16.26 1.15 -0.52
N VAL A 343 15.22 0.71 -1.22
CA VAL A 343 13.82 0.91 -0.80
C VAL A 343 13.15 -0.46 -0.79
N VAL A 344 12.58 -0.84 0.36
CA VAL A 344 11.91 -2.14 0.46
C VAL A 344 10.50 -1.91 0.98
N HIS A 345 9.62 -2.85 0.66
CA HIS A 345 8.21 -2.77 1.02
C HIS A 345 7.72 -4.17 1.33
N LYS A 346 7.06 -4.34 2.48
CA LYS A 346 6.45 -5.61 2.81
C LYS A 346 4.99 -5.39 3.17
N ALA A 347 4.13 -6.30 2.71
CA ALA A 347 2.69 -6.15 2.94
C ALA A 347 2.06 -7.52 3.12
N VAL A 348 1.02 -7.56 3.98
CA VAL A 348 0.28 -8.79 4.26
C VAL A 348 -1.21 -8.48 4.22
N LEU A 349 -2.00 -9.47 3.82
CA LEU A 349 -3.44 -9.32 3.67
C LEU A 349 -4.11 -10.61 4.13
N ASP A 350 -5.00 -10.50 5.12
CA ASP A 350 -5.71 -11.64 5.68
CA ASP A 350 -5.72 -11.64 5.69
C ASP A 350 -7.21 -11.38 5.58
N VAL A 351 -7.92 -12.26 4.89
CA VAL A 351 -9.36 -12.11 4.70
C VAL A 351 -10.04 -13.34 5.30
N PHE A 352 -11.00 -13.11 6.18
CA PHE A 352 -11.64 -14.19 6.93
C PHE A 352 -13.11 -13.82 7.17
N GLU A 353 -13.85 -14.73 7.79
CA GLU A 353 -15.30 -14.57 7.89
C GLU A 353 -15.69 -13.26 8.56
N GLU A 354 -15.01 -12.91 9.66
CA GLU A 354 -15.40 -11.74 10.45
C GLU A 354 -14.98 -10.41 9.82
N GLY A 355 -13.98 -10.42 8.94
CA GLY A 355 -13.48 -9.16 8.41
C GLY A 355 -12.17 -9.30 7.66
N THR A 356 -11.26 -8.36 7.90
CA THR A 356 -10.03 -8.27 7.14
C THR A 356 -8.97 -7.60 8.01
N GLU A 357 -7.74 -8.13 7.92
CA GLU A 357 -6.56 -7.56 8.54
C GLU A 357 -5.51 -7.39 7.45
N ALA A 358 -4.91 -6.20 7.37
CA ALA A 358 -3.87 -5.92 6.39
C ALA A 358 -2.86 -4.97 7.00
N SER A 359 -1.59 -5.17 6.65
CA SER A 359 -0.52 -4.36 7.22
C SER A 359 0.59 -4.22 6.19
N ALA A 360 1.32 -3.10 6.26
CA ALA A 360 2.44 -2.91 5.34
C ALA A 360 3.46 -1.98 5.98
N ALA A 361 4.70 -2.08 5.49
CA ALA A 361 5.74 -1.16 5.93
C ALA A 361 6.68 -0.89 4.77
N THR A 362 7.24 0.33 4.76
CA THR A 362 8.20 0.76 3.75
C THR A 362 9.44 1.30 4.47
N ALA A 363 10.62 0.91 3.98
CA ALA A 363 11.87 1.42 4.56
C ALA A 363 12.79 1.93 3.46
N LEU A 364 13.45 3.04 3.75
CA LEU A 364 14.40 3.69 2.86
C LEU A 364 15.76 3.71 3.54
N PHE A 365 16.75 3.06 2.95
CA PHE A 365 18.08 2.98 3.53
C PHE A 365 18.95 4.06 2.91
N ILE A 366 19.60 4.85 3.76
CA ILE A 366 20.31 6.05 3.33
C ILE A 366 21.71 6.05 3.95
N PRO A 367 22.72 5.61 3.20
CA PRO A 367 24.12 5.81 3.61
C PRO A 367 24.64 7.17 3.17
N LEU A 368 25.89 7.48 3.50
CA LEU A 368 26.51 8.71 3.02
C LEU A 368 26.57 8.70 1.51
N SER A 369 26.46 9.89 0.92
CA SER A 369 26.58 9.99 -0.55
C SER A 369 28.04 9.79 -0.96
N ARG B 7 -31.14 -13.62 -7.52
CA ARG B 7 -30.92 -14.59 -8.59
C ARG B 7 -29.47 -14.59 -9.07
N THR B 8 -28.77 -13.47 -8.87
CA THR B 8 -27.39 -13.36 -9.30
C THR B 8 -26.45 -14.07 -8.33
N ILE B 9 -25.44 -14.76 -8.88
CA ILE B 9 -24.42 -15.45 -8.11
C ILE B 9 -23.07 -14.85 -8.44
N VAL B 10 -22.32 -14.44 -7.42
CA VAL B 10 -20.95 -13.94 -7.57
C VAL B 10 -20.02 -14.96 -6.94
N ARG B 11 -19.16 -15.58 -7.74
CA ARG B 11 -18.30 -16.67 -7.28
C ARG B 11 -16.84 -16.31 -7.55
N PHE B 12 -16.11 -15.99 -6.48
CA PHE B 12 -14.69 -15.67 -6.57
C PHE B 12 -13.84 -16.95 -6.60
N ASN B 13 -14.05 -17.75 -7.64
CA ASN B 13 -13.33 -19.02 -7.82
C ASN B 13 -12.25 -18.95 -8.89
N ARG B 14 -11.72 -17.75 -9.12
CA ARG B 14 -10.72 -17.48 -10.14
C ARG B 14 -10.06 -16.15 -9.79
N PRO B 15 -8.90 -15.82 -10.38
CA PRO B 15 -8.15 -14.63 -9.96
C PRO B 15 -9.00 -13.35 -9.95
N PHE B 16 -8.81 -12.55 -8.90
CA PHE B 16 -9.59 -11.35 -8.73
C PHE B 16 -8.71 -10.26 -8.11
N LEU B 17 -9.22 -9.04 -8.09
CA LEU B 17 -8.54 -7.92 -7.44
C LEU B 17 -9.34 -7.48 -6.22
N MET B 18 -8.62 -7.03 -5.20
CA MET B 18 -9.26 -6.46 -4.02
C MET B 18 -8.56 -5.14 -3.69
N ILE B 19 -9.35 -4.09 -3.49
CA ILE B 19 -8.84 -2.76 -3.22
C ILE B 19 -9.52 -2.23 -1.97
N ILE B 20 -8.75 -1.99 -0.91
CA ILE B 20 -9.29 -1.48 0.35
C ILE B 20 -9.18 0.03 0.33
N VAL B 21 -10.31 0.72 0.46
CA VAL B 21 -10.37 2.16 0.30
C VAL B 21 -11.07 2.80 1.50
N ASP B 22 -10.75 4.07 1.73
CA ASP B 22 -11.39 4.90 2.74
C ASP B 22 -12.20 5.96 2.05
N HIS B 23 -13.51 6.00 2.33
CA HIS B 23 -14.37 6.97 1.63
C HIS B 23 -14.10 8.40 2.07
N PHE B 24 -13.71 8.60 3.34
CA PHE B 24 -13.57 9.97 3.81
C PHE B 24 -12.41 10.68 3.13
N THR B 25 -11.28 10.00 2.93
CA THR B 25 -10.12 10.63 2.30
C THR B 25 -9.93 10.25 0.84
N TRP B 26 -10.71 9.28 0.32
CA TRP B 26 -10.51 8.76 -1.03
C TRP B 26 -9.09 8.22 -1.20
N SER B 27 -8.66 7.44 -0.23
CA SER B 27 -7.32 6.84 -0.24
C SER B 27 -7.43 5.35 -0.54
N ILE B 28 -6.48 4.84 -1.32
CA ILE B 28 -6.30 3.39 -1.44
C ILE B 28 -5.29 3.00 -0.37
N PHE B 29 -5.75 2.24 0.65
CA PHE B 29 -4.87 1.71 1.68
C PHE B 29 -4.07 0.52 1.20
N PHE B 30 -4.72 -0.41 0.52
CA PHE B 30 -4.06 -1.61 0.01
C PHE B 30 -4.64 -1.96 -1.34
N MET B 31 -3.80 -2.51 -2.19
CA MET B 31 -4.22 -3.03 -3.48
C MET B 31 -3.69 -4.44 -3.62
N SER B 32 -4.50 -5.33 -4.17
CA SER B 32 -4.14 -6.74 -4.16
C SER B 32 -4.68 -7.41 -5.41
N LYS B 33 -3.89 -8.32 -5.97
CA LYS B 33 -4.39 -9.29 -6.93
C LYS B 33 -4.19 -10.67 -6.34
N VAL B 34 -5.27 -11.45 -6.27
CA VAL B 34 -5.22 -12.81 -5.72
C VAL B 34 -5.29 -13.74 -6.91
N THR B 35 -4.14 -14.34 -7.27
CA THR B 35 -4.12 -15.35 -8.32
C THR B 35 -4.09 -16.77 -7.76
N ASN B 36 -3.78 -16.91 -6.47
CA ASN B 36 -3.66 -18.21 -5.82
C ASN B 36 -3.86 -18.05 -4.31
N PRO B 37 -5.07 -18.31 -3.79
CA PRO B 37 -5.31 -18.13 -2.35
C PRO B 37 -4.58 -19.16 -1.48
N LYS B 38 -4.01 -20.21 -2.07
CA LYS B 38 -3.18 -21.13 -1.30
C LYS B 38 -1.72 -20.65 -1.25
N GLN B 39 -1.52 -19.34 -1.38
CA GLN B 39 -0.20 -18.70 -1.25
C GLN B 39 0.85 -19.26 -2.20
#